data_6DIT
#
_entry.id   6DIT
#
_cell.length_a   55.331
_cell.length_b   58.562
_cell.length_c   59.813
_cell.angle_alpha   90.00
_cell.angle_beta   90.00
_cell.angle_gamma   90.00
#
_symmetry.space_group_name_H-M   'P 21 21 21'
#
loop_
_entity.id
_entity.type
_entity.pdbx_description
1 polymer 'NS3 protease'
2 non-polymer 'pentyl [(2R,6S,12Z,13aS,14aR,16aS)-2-[(7-methoxy-3-methylquinoxalin-2-yl)oxy]-14a-{[(1-methylcyclopropyl)sulfonyl]carbamoyl}-5, 16-dioxo-1,2,3,5,6,7,8,9,10,11,13a,14,14a,15,16,16a-hexadecahydrocyclopropa[e]pyrrolo[1,2-a][1,4]diazacyclopentadecin-6- yl]carbamate'
3 non-polymer 'ZINC ION'
4 water water
#
_entity_poly.entity_id   1
_entity_poly.type   'polypeptide(L)'
_entity_poly.pdbx_seq_one_letter_code
;HMASMKKKGSVVIVGRINLSGDTAYAQQTRGEEGCQETSQTGRDKNQVEGEVQIVSTATQTFLATSINGVLWTVYHGAGT
RTIASPKGPVTQMYTNVDKDLVGWQAPQGSRSLTPCTCGSSDLYLVTRHADVIPVRRRGDSRGSLLSPRPISYLKGSSGG
PLLCPAGHAVGIFRAAVSTRGVAKAVDFIPVESLETTMR
;
_entity_poly.pdbx_strand_id   A
#
# COMPACT_ATOMS: atom_id res chain seq x y z
N MET A 2 16.62 30.49 4.40
CA MET A 2 16.25 29.49 5.39
C MET A 2 14.86 29.73 5.93
N ALA A 3 14.50 31.01 6.09
CA ALA A 3 13.22 31.35 6.72
C ALA A 3 12.03 31.09 5.81
N SER A 4 12.25 30.82 4.53
CA SER A 4 11.17 30.51 3.59
C SER A 4 11.18 29.05 3.16
N MET A 5 12.05 28.23 3.74
CA MET A 5 12.12 26.83 3.37
C MET A 5 10.83 26.13 3.75
N LYS A 6 10.26 25.39 2.80
CA LYS A 6 9.01 24.69 3.00
C LYS A 6 9.25 23.34 3.68
N LYS A 7 8.17 22.77 4.21
CA LYS A 7 8.18 21.41 4.73
C LYS A 7 7.21 20.57 3.90
N LYS A 8 7.64 19.37 3.55
CA LYS A 8 6.75 18.46 2.84
C LYS A 8 5.63 18.02 3.78
N GLY A 9 4.45 17.82 3.19
CA GLY A 9 3.30 17.43 3.95
C GLY A 9 3.33 15.96 4.34
N SER A 10 2.33 15.56 5.12
CA SER A 10 2.19 14.17 5.52
C SER A 10 1.46 13.38 4.43
N VAL A 11 1.75 12.08 4.38
CA VAL A 11 0.88 11.15 3.68
C VAL A 11 -0.47 11.15 4.38
N VAL A 12 -1.53 11.06 3.59
CA VAL A 12 -2.90 11.15 4.10
C VAL A 12 -3.69 9.96 3.58
N ILE A 13 -4.41 9.28 4.47
CA ILE A 13 -5.34 8.25 4.06
C ILE A 13 -6.57 8.94 3.46
N VAL A 14 -6.89 8.59 2.21
CA VAL A 14 -8.02 9.18 1.52
C VAL A 14 -9.10 8.16 1.17
N GLY A 15 -8.90 6.90 1.53
CA GLY A 15 -9.90 5.88 1.25
C GLY A 15 -9.35 4.51 1.62
N ARG A 16 -10.09 3.49 1.20
CA ARG A 16 -9.69 2.13 1.50
C ARG A 16 -10.26 1.18 0.45
N ILE A 17 -9.68 -0.01 0.39
CA ILE A 17 -10.23 -1.10 -0.41
C ILE A 17 -11.00 -1.99 0.56
N ASN A 18 -12.32 -2.03 0.40
CA ASN A 18 -13.16 -2.79 1.31
C ASN A 18 -13.12 -4.27 0.92
N LEU A 19 -12.62 -5.10 1.84
CA LEU A 19 -12.54 -6.55 1.62
C LEU A 19 -13.31 -7.31 2.70
N SER A 20 -14.22 -6.65 3.41
CA SER A 20 -14.87 -7.28 4.54
C SER A 20 -15.97 -8.27 4.13
N GLY A 21 -16.60 -8.04 2.99
CA GLY A 21 -17.70 -8.88 2.57
C GLY A 21 -17.40 -9.73 1.35
N ASP A 22 -18.44 -9.99 0.55
CA ASP A 22 -18.32 -10.83 -0.63
C ASP A 22 -17.82 -10.07 -1.85
N THR A 23 -17.85 -8.75 -1.82
CA THR A 23 -17.53 -7.92 -2.98
C THR A 23 -16.47 -6.91 -2.59
N ALA A 24 -15.36 -6.88 -3.31
CA ALA A 24 -14.32 -5.89 -3.06
C ALA A 24 -14.66 -4.60 -3.79
N TYR A 25 -14.52 -3.47 -3.09
CA TYR A 25 -14.80 -2.19 -3.72
C TYR A 25 -14.03 -1.09 -2.99
N ALA A 26 -13.62 -0.09 -3.77
CA ALA A 26 -12.93 1.05 -3.23
C ALA A 26 -13.91 2.04 -2.61
N GLN A 27 -13.49 2.66 -1.50
CA GLN A 27 -14.26 3.71 -0.85
C GLN A 27 -13.35 4.91 -0.66
N GLN A 28 -13.87 6.09 -0.97
CA GLN A 28 -13.16 7.33 -0.64
C GLN A 28 -13.70 7.84 0.69
N THR A 29 -12.78 8.23 1.57
CA THR A 29 -13.14 8.78 2.87
C THR A 29 -12.75 10.24 3.03
N ARG A 30 -11.97 10.80 2.10
CA ARG A 30 -11.60 12.21 2.17
C ARG A 30 -11.39 12.76 0.77
N GLY A 31 -11.98 13.93 0.50
CA GLY A 31 -11.81 14.59 -0.77
C GLY A 31 -10.50 15.34 -0.88
N GLU A 32 -10.22 15.80 -2.11
CA GLU A 32 -8.92 16.38 -2.42
C GLU A 32 -8.62 17.59 -1.55
N GLU A 33 -9.64 18.43 -1.31
CA GLU A 33 -9.42 19.65 -0.52
C GLU A 33 -9.05 19.30 0.92
N GLY A 34 -9.86 18.47 1.58
CA GLY A 34 -9.53 18.05 2.93
C GLY A 34 -8.22 17.28 3.00
N CYS A 35 -7.86 16.59 1.91
CA CYS A 35 -6.58 15.90 1.87
C CYS A 35 -5.43 16.89 1.91
N GLN A 36 -5.45 17.89 1.01
CA GLN A 36 -4.40 18.90 1.00
C GLN A 36 -4.26 19.55 2.38
N GLU A 37 -5.38 19.86 3.02
CA GLU A 37 -5.32 20.51 4.34
C GLU A 37 -4.82 19.54 5.41
N THR A 38 -5.25 18.29 5.36
CA THR A 38 -4.76 17.29 6.31
C THR A 38 -3.28 17.02 6.10
N SER A 39 -2.80 17.11 4.86
CA SER A 39 -1.38 16.90 4.59
C SER A 39 -0.54 17.98 5.26
N GLN A 40 -1.00 19.23 5.21
CA GLN A 40 -0.24 20.34 5.79
C GLN A 40 -0.20 20.25 7.30
N THR A 41 -1.34 19.98 7.93
CA THR A 41 -1.40 19.94 9.39
C THR A 41 -0.92 18.61 9.96
N GLY A 42 -1.05 17.53 9.19
CA GLY A 42 -0.78 16.21 9.72
C GLY A 42 -1.82 15.70 10.70
N ARG A 43 -2.95 16.39 10.85
CA ARG A 43 -3.99 16.03 11.81
C ARG A 43 -5.17 15.44 11.04
N ASP A 44 -5.38 14.14 11.18
CA ASP A 44 -6.45 13.41 10.50
C ASP A 44 -7.32 12.76 11.55
N LYS A 45 -8.52 13.30 11.76
CA LYS A 45 -9.45 12.79 12.75
C LYS A 45 -10.41 11.76 12.18
N ASN A 46 -10.26 11.37 10.91
CA ASN A 46 -11.17 10.39 10.32
C ASN A 46 -10.92 9.01 10.89
N GLN A 47 -12.01 8.26 11.05
CA GLN A 47 -11.91 6.88 11.50
C GLN A 47 -11.30 6.03 10.39
N VAL A 48 -10.33 5.20 10.76
CA VAL A 48 -9.67 4.29 9.84
C VAL A 48 -10.25 2.91 10.02
N GLU A 49 -10.48 2.20 8.92
CA GLU A 49 -10.95 0.83 8.96
C GLU A 49 -10.23 0.02 7.89
N GLY A 50 -10.13 -1.28 8.11
CA GLY A 50 -9.70 -2.20 7.07
C GLY A 50 -8.19 -2.38 6.99
N GLU A 51 -7.80 -3.25 6.05
CA GLU A 51 -6.40 -3.65 5.90
C GLU A 51 -5.66 -2.81 4.85
N VAL A 52 -6.33 -2.44 3.77
CA VAL A 52 -5.71 -1.77 2.64
C VAL A 52 -6.24 -0.35 2.58
N GLN A 53 -5.34 0.62 2.74
CA GLN A 53 -5.67 2.03 2.67
C GLN A 53 -5.24 2.61 1.33
N ILE A 54 -6.03 3.55 0.83
CA ILE A 54 -5.62 4.42 -0.26
C ILE A 54 -5.02 5.68 0.35
N VAL A 55 -3.81 6.03 -0.06
CA VAL A 55 -3.09 7.14 0.53
C VAL A 55 -2.68 8.11 -0.58
N SER A 56 -2.43 9.36 -0.18
CA SER A 56 -2.07 10.39 -1.14
C SER A 56 -1.11 11.38 -0.51
N THR A 57 -0.25 11.93 -1.35
CA THR A 57 0.49 13.15 -1.07
C THR A 57 -0.08 14.26 -1.95
N ALA A 58 0.60 15.40 -1.96
CA ALA A 58 0.15 16.48 -2.85
C ALA A 58 0.30 16.11 -4.32
N THR A 59 1.14 15.11 -4.64
CA THR A 59 1.49 14.81 -6.02
C THR A 59 1.31 13.36 -6.42
N GLN A 60 1.00 12.45 -5.49
CA GLN A 60 0.91 11.05 -5.84
C GLN A 60 -0.18 10.38 -5.02
N THR A 61 -0.73 9.30 -5.56
CA THR A 61 -1.66 8.46 -4.82
C THR A 61 -1.28 7.02 -5.05
N PHE A 62 -1.35 6.23 -3.98
CA PHE A 62 -0.94 4.83 -4.01
C PHE A 62 -1.66 4.12 -2.86
N LEU A 63 -1.18 2.93 -2.50
CA LEU A 63 -1.81 2.13 -1.47
C LEU A 63 -0.87 1.90 -0.30
N ALA A 64 -1.46 1.49 0.83
CA ALA A 64 -0.71 1.10 2.01
C ALA A 64 -1.47 -0.03 2.70
N THR A 65 -0.71 -1.00 3.21
CA THR A 65 -1.25 -2.27 3.70
C THR A 65 -0.77 -2.53 5.12
N SER A 66 -1.70 -2.85 6.02
CA SER A 66 -1.36 -3.19 7.39
C SER A 66 -1.04 -4.68 7.51
N ILE A 67 0.16 -4.99 8.00
CA ILE A 67 0.59 -6.36 8.28
C ILE A 67 1.32 -6.33 9.61
N ASN A 68 0.89 -7.17 10.55
CA ASN A 68 1.55 -7.27 11.86
C ASN A 68 1.61 -5.93 12.58
N GLY A 69 0.52 -5.15 12.51
CA GLY A 69 0.49 -3.90 13.23
C GLY A 69 1.33 -2.79 12.65
N VAL A 70 1.79 -2.93 11.41
CA VAL A 70 2.54 -1.90 10.70
C VAL A 70 1.81 -1.60 9.41
N LEU A 71 1.65 -0.32 9.10
CA LEU A 71 1.12 0.11 7.81
C LEU A 71 2.30 0.28 6.86
N TRP A 72 2.39 -0.61 5.87
CA TRP A 72 3.50 -0.65 4.94
C TRP A 72 3.14 0.01 3.61
N THR A 73 4.11 0.66 2.99
CA THR A 73 3.94 1.16 1.64
C THR A 73 5.32 1.30 1.00
N VAL A 74 5.37 1.89 -0.19
CA VAL A 74 6.58 1.97 -0.99
C VAL A 74 7.27 3.30 -0.76
N TYR A 75 8.61 3.27 -0.73
CA TYR A 75 9.39 4.48 -0.56
C TYR A 75 9.24 5.42 -1.76
N HIS A 76 9.06 4.88 -2.97
CA HIS A 76 8.94 5.76 -4.13
C HIS A 76 7.61 6.51 -4.15
N GLY A 77 6.68 6.17 -3.28
CA GLY A 77 5.48 6.96 -3.08
C GLY A 77 5.59 7.87 -1.89
N ALA A 78 6.02 7.34 -0.75
CA ALA A 78 5.99 8.07 0.51
C ALA A 78 7.27 8.84 0.82
N GLY A 79 8.39 8.45 0.22
CA GLY A 79 9.66 9.00 0.67
C GLY A 79 9.80 8.82 2.16
N THR A 80 10.36 9.83 2.82
CA THR A 80 10.54 9.82 4.27
C THR A 80 9.39 10.51 5.00
N ARG A 81 8.25 10.69 4.35
CA ARG A 81 7.18 11.50 4.92
C ARG A 81 6.56 10.87 6.16
N THR A 82 6.11 11.73 7.07
CA THR A 82 5.19 11.34 8.12
C THR A 82 3.83 10.99 7.52
N ILE A 83 3.00 10.33 8.33
CA ILE A 83 1.60 10.08 7.98
C ILE A 83 0.72 10.84 8.96
N ALA A 84 -0.40 11.34 8.48
CA ALA A 84 -1.32 12.10 9.33
C ALA A 84 -2.06 11.17 10.27
N SER A 85 -2.34 11.66 11.48
CA SER A 85 -3.04 10.89 12.49
C SER A 85 -3.87 11.86 13.31
N PRO A 86 -4.77 11.35 14.15
CA PRO A 86 -5.62 12.25 14.94
C PRO A 86 -4.82 13.21 15.81
N LYS A 87 -3.65 12.80 16.28
CA LYS A 87 -2.84 13.61 17.20
C LYS A 87 -1.71 14.34 16.51
N GLY A 88 -1.61 14.26 15.18
CA GLY A 88 -0.55 14.93 14.44
C GLY A 88 0.30 13.95 13.67
N PRO A 89 1.33 14.48 12.99
CA PRO A 89 2.14 13.63 12.11
C PRO A 89 2.88 12.54 12.88
N VAL A 90 2.91 11.35 12.28
CA VAL A 90 3.56 10.18 12.85
C VAL A 90 4.79 9.87 12.01
N THR A 91 5.93 9.76 12.67
CA THR A 91 7.20 9.50 11.98
C THR A 91 7.31 8.03 11.60
N GLN A 92 7.91 7.78 10.44
CA GLN A 92 8.12 6.41 9.99
C GLN A 92 8.86 5.61 11.03
N MET A 93 8.43 4.36 11.16
CA MET A 93 9.03 3.37 12.04
C MET A 93 10.03 2.49 11.31
N TYR A 94 9.84 2.32 10.00
CA TYR A 94 10.75 1.59 9.14
C TYR A 94 10.97 2.39 7.85
N THR A 95 12.22 2.42 7.38
CA THR A 95 12.56 3.04 6.11
C THR A 95 13.68 2.24 5.49
N ASN A 96 13.47 1.72 4.28
CA ASN A 96 14.50 0.96 3.57
C ASN A 96 14.40 1.26 2.09
N VAL A 97 15.24 2.18 1.62
CA VAL A 97 15.22 2.60 0.23
C VAL A 97 15.71 1.48 -0.68
N ASP A 98 16.57 0.59 -0.16
CA ASP A 98 17.07 -0.51 -0.94
C ASP A 98 15.98 -1.53 -1.27
N LYS A 99 14.92 -1.58 -0.46
CA LYS A 99 13.77 -2.43 -0.72
C LYS A 99 12.57 -1.65 -1.23
N ASP A 100 12.68 -0.34 -1.35
CA ASP A 100 11.56 0.52 -1.74
C ASP A 100 10.42 0.40 -0.74
N LEU A 101 10.76 0.38 0.55
CA LEU A 101 9.83 0.03 1.62
C LEU A 101 9.87 1.07 2.74
N VAL A 102 8.69 1.43 3.23
CA VAL A 102 8.57 2.22 4.46
C VAL A 102 7.41 1.66 5.27
N GLY A 103 7.40 2.02 6.55
CA GLY A 103 6.31 1.62 7.42
C GLY A 103 6.09 2.58 8.56
N TRP A 104 4.82 2.77 8.94
CA TRP A 104 4.43 3.46 10.15
C TRP A 104 3.64 2.50 11.02
N GLN A 105 3.55 2.81 12.30
CA GLN A 105 2.64 2.10 13.18
C GLN A 105 1.24 2.14 12.58
N ALA A 106 0.54 1.00 12.64
CA ALA A 106 -0.77 0.91 12.01
C ALA A 106 -1.77 1.83 12.73
N PRO A 107 -2.59 2.58 11.98
CA PRO A 107 -3.53 3.50 12.65
C PRO A 107 -4.52 2.76 13.53
N GLN A 108 -4.96 3.46 14.58
CA GLN A 108 -6.05 2.95 15.41
C GLN A 108 -7.26 2.68 14.53
N GLY A 109 -7.87 1.51 14.72
CA GLY A 109 -9.04 1.13 13.96
C GLY A 109 -8.75 0.30 12.73
N SER A 110 -7.52 0.31 12.23
CA SER A 110 -7.14 -0.54 11.14
C SER A 110 -7.16 -2.00 11.58
N ARG A 111 -7.23 -2.90 10.59
CA ARG A 111 -7.05 -4.33 10.80
C ARG A 111 -5.84 -4.78 10.01
N SER A 112 -5.05 -5.69 10.59
CA SER A 112 -3.80 -6.11 9.99
C SER A 112 -3.93 -7.49 9.36
N LEU A 113 -3.32 -7.66 8.20
CA LEU A 113 -3.22 -8.97 7.59
C LEU A 113 -2.18 -9.80 8.32
N THR A 114 -2.35 -11.12 8.28
CA THR A 114 -1.39 -12.03 8.89
C THR A 114 -0.36 -12.48 7.87
N PRO A 115 0.93 -12.49 8.20
CA PRO A 115 1.94 -12.96 7.24
C PRO A 115 1.69 -14.42 6.85
N CYS A 116 1.80 -14.69 5.55
CA CYS A 116 1.51 -16.02 5.04
C CYS A 116 2.65 -16.98 5.34
N THR A 117 2.29 -18.18 5.83
CA THR A 117 3.22 -19.27 6.00
C THR A 117 2.83 -20.49 5.17
N CYS A 118 1.93 -20.31 4.20
CA CYS A 118 1.37 -21.44 3.45
C CYS A 118 2.37 -22.03 2.46
N GLY A 119 3.30 -21.22 1.97
CA GLY A 119 4.19 -21.68 0.92
C GLY A 119 3.52 -21.91 -0.40
N SER A 120 2.39 -21.25 -0.65
CA SER A 120 1.64 -21.42 -1.89
C SER A 120 2.07 -20.40 -2.94
N SER A 121 1.92 -20.79 -4.21
CA SER A 121 2.28 -19.93 -5.33
C SER A 121 1.07 -19.43 -6.11
N ASP A 122 -0.14 -19.68 -5.62
CA ASP A 122 -1.36 -19.18 -6.25
C ASP A 122 -1.79 -17.94 -5.47
N LEU A 123 -1.46 -16.76 -6.00
CA LEU A 123 -1.61 -15.50 -5.29
C LEU A 123 -2.68 -14.64 -5.93
N TYR A 124 -2.98 -13.54 -5.26
CA TYR A 124 -4.01 -12.60 -5.68
C TYR A 124 -3.55 -11.19 -5.35
N LEU A 125 -3.52 -10.33 -6.35
CA LEU A 125 -3.12 -8.93 -6.20
C LEU A 125 -4.36 -8.06 -6.08
N VAL A 126 -4.38 -7.16 -5.11
CA VAL A 126 -5.50 -6.24 -4.89
C VAL A 126 -5.05 -4.85 -5.34
N THR A 127 -5.79 -4.28 -6.29
CA THR A 127 -5.46 -2.97 -6.85
C THR A 127 -6.28 -1.87 -6.18
N ARG A 128 -5.90 -0.63 -6.47
CA ARG A 128 -6.59 0.53 -5.92
C ARG A 128 -8.01 0.65 -6.43
N HIS A 129 -8.35 -0.06 -7.51
CA HIS A 129 -9.71 -0.09 -8.03
C HIS A 129 -10.49 -1.29 -7.52
N ALA A 130 -9.96 -2.00 -6.54
CA ALA A 130 -10.59 -3.18 -5.94
C ALA A 130 -10.66 -4.37 -6.90
N ASP A 131 -9.82 -4.39 -7.92
CA ASP A 131 -9.68 -5.58 -8.74
C ASP A 131 -8.82 -6.59 -8.01
N VAL A 132 -9.24 -7.85 -8.03
CA VAL A 132 -8.49 -8.95 -7.44
C VAL A 132 -7.92 -9.77 -8.59
N ILE A 133 -6.62 -9.65 -8.79
CA ILE A 133 -5.96 -10.15 -10.00
C ILE A 133 -5.21 -11.44 -9.65
N PRO A 134 -5.57 -12.58 -10.21
CA PRO A 134 -4.78 -13.80 -9.97
C PRO A 134 -3.36 -13.66 -10.48
N VAL A 135 -2.41 -14.08 -9.65
CA VAL A 135 -0.98 -13.98 -9.93
C VAL A 135 -0.34 -15.30 -9.53
N ARG A 136 0.43 -15.89 -10.44
CA ARG A 136 1.20 -17.09 -10.14
C ARG A 136 2.59 -16.68 -9.68
N ARG A 137 2.99 -17.13 -8.49
CA ARG A 137 4.32 -16.80 -8.00
C ARG A 137 5.38 -17.49 -8.85
N ARG A 138 6.36 -16.71 -9.30
CA ARG A 138 7.42 -17.18 -10.17
C ARG A 138 8.81 -17.10 -9.54
N GLY A 139 8.91 -16.57 -8.33
CA GLY A 139 10.20 -16.45 -7.67
C GLY A 139 10.02 -15.82 -6.32
N ASP A 140 11.13 -15.46 -5.70
CA ASP A 140 11.07 -14.85 -4.37
C ASP A 140 10.30 -13.53 -4.41
N SER A 141 10.46 -12.76 -5.49
CA SER A 141 9.85 -11.43 -5.55
C SER A 141 9.10 -11.18 -6.85
N ARG A 142 8.74 -12.24 -7.59
CA ARG A 142 8.09 -12.09 -8.88
C ARG A 142 6.85 -12.98 -8.97
N GLY A 143 5.85 -12.48 -9.69
CA GLY A 143 4.68 -13.27 -10.01
C GLY A 143 4.13 -12.81 -11.34
N SER A 144 3.57 -13.74 -12.09
CA SER A 144 3.02 -13.45 -13.41
C SER A 144 1.51 -13.30 -13.33
N LEU A 145 0.98 -12.33 -14.07
CA LEU A 145 -0.46 -12.19 -14.19
C LEU A 145 -1.01 -13.31 -15.06
N LEU A 146 -2.08 -13.97 -14.58
CA LEU A 146 -2.73 -14.98 -15.41
C LEU A 146 -3.37 -14.33 -16.64
N SER A 147 -3.86 -13.10 -16.51
CA SER A 147 -4.42 -12.34 -17.62
C SER A 147 -3.69 -11.00 -17.67
N PRO A 148 -2.67 -10.85 -18.52
CA PRO A 148 -1.95 -9.59 -18.59
C PRO A 148 -2.87 -8.39 -18.81
N ARG A 149 -2.43 -7.23 -18.32
CA ARG A 149 -3.15 -5.97 -18.37
C ARG A 149 -2.19 -4.87 -18.83
N PRO A 150 -2.69 -3.84 -19.50
CA PRO A 150 -1.85 -2.65 -19.68
C PRO A 150 -1.49 -2.06 -18.32
N ILE A 151 -0.29 -1.47 -18.24
CA ILE A 151 0.18 -0.95 -16.97
C ILE A 151 -0.74 0.12 -16.40
N SER A 152 -1.57 0.72 -17.25
CA SER A 152 -2.52 1.73 -16.78
C SER A 152 -3.42 1.19 -15.68
N TYR A 153 -3.73 -0.11 -15.72
CA TYR A 153 -4.64 -0.70 -14.75
C TYR A 153 -3.97 -0.97 -13.41
N LEU A 154 -2.64 -0.98 -13.37
CA LEU A 154 -1.89 -1.20 -12.14
C LEU A 154 -1.31 0.08 -11.56
N LYS A 155 -1.22 1.15 -12.35
CA LYS A 155 -0.68 2.41 -11.84
C LYS A 155 -1.48 2.88 -10.64
N GLY A 156 -0.77 3.26 -9.58
CA GLY A 156 -1.39 3.72 -8.36
C GLY A 156 -1.69 2.62 -7.35
N SER A 157 -1.24 1.40 -7.61
CA SER A 157 -1.51 0.27 -6.73
C SER A 157 -0.28 -0.20 -5.97
N SER A 158 0.88 0.39 -6.20
CA SER A 158 2.04 0.07 -5.36
C SER A 158 1.65 0.27 -3.90
N GLY A 159 2.22 -0.58 -3.05
CA GLY A 159 1.83 -0.63 -1.65
C GLY A 159 0.67 -1.55 -1.36
N GLY A 160 -0.03 -2.03 -2.39
CA GLY A 160 -1.09 -2.99 -2.20
C GLY A 160 -0.57 -4.38 -1.93
N PRO A 161 -1.45 -5.25 -1.44
CA PRO A 161 -1.03 -6.60 -1.06
C PRO A 161 -1.14 -7.62 -2.17
N LEU A 162 -0.23 -8.58 -2.12
CA LEU A 162 -0.43 -9.89 -2.74
C LEU A 162 -0.83 -10.86 -1.64
N LEU A 163 -1.91 -11.59 -1.87
CA LEU A 163 -2.49 -12.48 -0.86
C LEU A 163 -2.46 -13.92 -1.36
N CYS A 164 -2.42 -14.86 -0.41
CA CYS A 164 -2.55 -16.27 -0.71
C CYS A 164 -4.01 -16.65 -0.77
N PRO A 165 -4.33 -17.89 -1.16
CA PRO A 165 -5.75 -18.28 -1.23
C PRO A 165 -6.50 -18.10 0.07
N ALA A 166 -5.80 -18.16 1.20
CA ALA A 166 -6.41 -18.02 2.52
C ALA A 166 -6.47 -16.58 3.01
N GLY A 167 -6.05 -15.61 2.19
CA GLY A 167 -6.14 -14.22 2.60
C GLY A 167 -5.00 -13.74 3.46
N HIS A 168 -3.90 -14.48 3.52
CA HIS A 168 -2.71 -14.02 4.23
C HIS A 168 -1.89 -13.11 3.32
N ALA A 169 -1.08 -12.25 3.95
CA ALA A 169 -0.21 -11.35 3.21
C ALA A 169 1.04 -12.09 2.76
N VAL A 170 1.27 -12.11 1.44
CA VAL A 170 2.48 -12.69 0.88
C VAL A 170 3.50 -11.64 0.46
N GLY A 171 3.09 -10.44 0.08
CA GLY A 171 4.05 -9.43 -0.35
C GLY A 171 3.35 -8.10 -0.56
N ILE A 172 4.17 -7.08 -0.82
CA ILE A 172 3.71 -5.72 -1.10
C ILE A 172 4.06 -5.39 -2.54
N PHE A 173 3.07 -5.00 -3.32
CA PHE A 173 3.27 -4.66 -4.73
C PHE A 173 4.24 -3.48 -4.87
N ARG A 174 5.28 -3.68 -5.67
CA ARG A 174 6.35 -2.69 -5.79
C ARG A 174 6.49 -2.14 -7.20
N ALA A 175 6.55 -2.99 -8.22
CA ALA A 175 6.79 -2.54 -9.58
C ALA A 175 6.16 -3.51 -10.57
N ALA A 176 5.83 -2.99 -11.75
CA ALA A 176 5.23 -3.79 -12.82
C ALA A 176 6.28 -4.14 -13.86
N VAL A 177 6.28 -5.39 -14.29
CA VAL A 177 7.16 -5.86 -15.35
C VAL A 177 6.40 -5.74 -16.66
N SER A 178 6.88 -4.86 -17.54
CA SER A 178 6.12 -4.41 -18.69
C SER A 178 6.92 -4.63 -19.97
N THR A 179 6.23 -5.05 -21.02
CA THR A 179 6.79 -5.07 -22.37
C THR A 179 5.76 -4.45 -23.30
N ARG A 180 6.12 -3.32 -23.91
CA ARG A 180 5.23 -2.57 -24.79
C ARG A 180 3.92 -2.25 -24.08
N GLY A 181 4.05 -1.78 -22.84
CA GLY A 181 2.93 -1.27 -22.08
C GLY A 181 2.04 -2.30 -21.42
N VAL A 182 2.30 -3.59 -21.62
CA VAL A 182 1.45 -4.65 -21.08
C VAL A 182 2.14 -5.26 -19.87
N ALA A 183 1.44 -5.27 -18.73
CA ALA A 183 1.97 -5.86 -17.52
C ALA A 183 1.79 -7.37 -17.57
N LYS A 184 2.89 -8.11 -17.77
CA LYS A 184 2.86 -9.56 -17.75
C LYS A 184 3.24 -10.15 -16.40
N ALA A 185 3.90 -9.36 -15.55
CA ALA A 185 4.37 -9.85 -14.26
C ALA A 185 4.49 -8.66 -13.31
N VAL A 186 4.59 -8.96 -12.02
CA VAL A 186 4.75 -7.94 -11.00
C VAL A 186 5.96 -8.30 -10.13
N ASP A 187 6.61 -7.25 -9.63
CA ASP A 187 7.67 -7.35 -8.64
C ASP A 187 7.10 -6.91 -7.30
N PHE A 188 7.38 -7.67 -6.25
CA PHE A 188 6.81 -7.37 -4.94
C PHE A 188 7.84 -7.62 -3.84
N ILE A 189 7.63 -6.94 -2.72
CA ILE A 189 8.46 -7.09 -1.53
C ILE A 189 7.91 -8.28 -0.75
N PRO A 190 8.64 -9.38 -0.61
CA PRO A 190 8.11 -10.53 0.13
C PRO A 190 7.86 -10.18 1.58
N VAL A 191 6.82 -10.81 2.14
CA VAL A 191 6.48 -10.54 3.54
C VAL A 191 7.63 -10.92 4.46
N GLU A 192 8.44 -11.90 4.06
CA GLU A 192 9.61 -12.26 4.87
C GLU A 192 10.60 -11.10 4.96
N SER A 193 10.71 -10.31 3.90
CA SER A 193 11.58 -9.14 3.95
C SER A 193 11.03 -8.08 4.90
N LEU A 194 9.70 -7.97 4.98
CA LEU A 194 9.10 -7.12 6.00
C LEU A 194 9.43 -7.63 7.39
N GLU A 195 9.24 -8.94 7.61
CA GLU A 195 9.49 -9.51 8.93
C GLU A 195 10.94 -9.35 9.35
N THR A 196 11.87 -9.39 8.38
CA THR A 196 13.27 -9.14 8.70
C THR A 196 13.50 -7.67 9.06
N THR A 197 12.90 -6.76 8.27
CA THR A 197 13.00 -5.34 8.61
C THR A 197 12.48 -5.04 10.00
N MET A 198 11.50 -5.81 10.47
CA MET A 198 10.92 -5.59 11.79
C MET A 198 11.88 -5.99 12.91
#